data_1QHF
#
_entry.id   1QHF
#
_cell.length_a   96.400
_cell.length_b   85.900
_cell.length_c   81.900
_cell.angle_alpha   90.00
_cell.angle_beta   120.60
_cell.angle_gamma   90.00
#
_symmetry.space_group_name_H-M   'C 1 2 1'
#
loop_
_entity.id
_entity.type
_entity.pdbx_description
1 polymer 'PROTEIN (PHOSPHOGLYCERATE MUTASE)'
2 non-polymer 'SULFATE ION'
3 non-polymer '3-PHOSPHOGLYCERIC ACID'
4 water water
#
_entity_poly.entity_id   1
_entity_poly.type   'polypeptide(L)'
_entity_poly.pdbx_seq_one_letter_code
;PKLVLVRHGQSEWNEKNLFTGWVDVKLSAKGQQEAARAGELLKEKKVYPDVLYTSKLSRAIQTANIALEKADRLWIPVNR
SWRLNERHYGDLQGKDKAETLKKFGEEKFNTYRRSFDVPPPPIDASSPFSQKGDERYKYVDPNVLPETESLALVIDRLLP
YWQDVIAKDLLSGKTVMIAAHGNSLRGLVKHLEGISDADIAKLNIPTGIPLVFELDENLKPSKPSYYLDPEAAAAGAAAV
;
_entity_poly.pdbx_strand_id   A,B
#
loop_
_chem_comp.id
_chem_comp.type
_chem_comp.name
_chem_comp.formula
3PG non-polymer '3-PHOSPHOGLYCERIC ACID' 'C3 H7 O7 P'
SO4 non-polymer 'SULFATE ION' 'O4 S -2'
#
# COMPACT_ATOMS: atom_id res chain seq x y z
N PRO A 1 3.67 24.65 2.41
CA PRO A 1 3.44 23.18 2.26
C PRO A 1 4.76 22.42 2.27
N LYS A 2 4.76 21.15 2.60
CA LYS A 2 5.96 20.33 2.70
C LYS A 2 5.80 19.10 1.78
N LEU A 3 6.80 18.88 0.97
CA LEU A 3 6.85 17.81 -0.02
C LEU A 3 8.00 16.88 0.29
N VAL A 4 7.77 15.57 0.33
CA VAL A 4 8.91 14.67 0.62
C VAL A 4 9.09 13.71 -0.54
N LEU A 5 10.28 13.59 -1.11
CA LEU A 5 10.54 12.73 -2.26
C LEU A 5 11.45 11.58 -1.88
N VAL A 6 11.09 10.39 -2.28
CA VAL A 6 11.97 9.24 -1.96
C VAL A 6 12.23 8.47 -3.25
N ARG A 7 13.50 8.29 -3.63
CA ARG A 7 13.87 7.46 -4.76
C ARG A 7 14.06 6.02 -4.30
N HIS A 8 13.50 5.03 -5.00
CA HIS A 8 13.65 3.64 -4.56
C HIS A 8 15.11 3.18 -4.70
N GLY A 9 15.42 2.16 -3.88
CA GLY A 9 16.79 1.65 -3.92
C GLY A 9 16.94 0.62 -5.03
N GLN A 10 18.07 -0.10 -4.97
CA GLN A 10 18.41 -1.01 -6.04
C GLN A 10 17.34 -2.01 -6.41
N SER A 11 17.08 -2.19 -7.68
CA SER A 11 16.13 -3.22 -8.14
C SER A 11 16.92 -4.49 -8.46
N GLU A 12 16.26 -5.59 -8.71
CA GLU A 12 16.93 -6.85 -9.08
C GLU A 12 17.63 -6.74 -10.43
N TRP A 13 17.19 -5.86 -11.31
CA TRP A 13 17.86 -5.69 -12.60
C TRP A 13 19.03 -4.74 -12.45
N ASN A 14 18.97 -3.79 -11.49
CA ASN A 14 20.12 -2.88 -11.37
C ASN A 14 21.34 -3.70 -10.93
N GLU A 15 21.05 -4.66 -10.06
CA GLU A 15 22.16 -5.52 -9.57
C GLU A 15 22.71 -6.44 -10.63
N LYS A 16 21.97 -6.77 -11.67
CA LYS A 16 22.39 -7.60 -12.78
C LYS A 16 22.86 -6.75 -13.96
N ASN A 17 22.85 -5.44 -13.88
CA ASN A 17 23.32 -4.53 -14.91
C ASN A 17 22.44 -4.44 -16.14
N LEU A 18 21.11 -4.46 -15.97
CA LEU A 18 20.21 -4.36 -17.11
C LEU A 18 19.41 -3.05 -17.05
N PHE A 19 19.20 -2.43 -18.19
CA PHE A 19 18.38 -1.19 -18.18
C PHE A 19 16.94 -1.61 -17.85
N THR A 20 16.25 -0.86 -16.99
CA THR A 20 14.90 -1.33 -16.62
C THR A 20 13.79 -0.50 -17.28
N GLY A 21 13.79 0.77 -16.98
CA GLY A 21 12.72 1.61 -17.61
C GLY A 21 11.37 1.20 -17.03
N TRP A 22 10.37 0.92 -17.89
CA TRP A 22 9.06 0.53 -17.35
C TRP A 22 8.87 -0.93 -17.10
N VAL A 23 9.94 -1.77 -17.26
CA VAL A 23 9.78 -3.20 -16.94
C VAL A 23 9.59 -3.31 -15.43
N ASP A 24 8.61 -4.10 -15.00
CA ASP A 24 8.23 -4.09 -13.59
C ASP A 24 8.99 -5.10 -12.76
N VAL A 25 10.25 -4.72 -12.44
CA VAL A 25 11.07 -5.65 -11.62
C VAL A 25 11.03 -5.23 -10.16
N LYS A 26 11.31 -6.16 -9.27
CA LYS A 26 11.20 -5.87 -7.84
C LYS A 26 12.54 -5.39 -7.23
N LEU A 27 12.45 -4.98 -5.97
CA LEU A 27 13.65 -4.48 -5.29
C LEU A 27 14.57 -5.69 -5.00
N SER A 28 15.87 -5.37 -4.98
CA SER A 28 16.76 -6.47 -4.50
C SER A 28 16.72 -6.46 -2.98
N ALA A 29 17.54 -7.37 -2.35
CA ALA A 29 17.64 -7.34 -0.90
C ALA A 29 18.24 -6.06 -0.38
N LYS A 30 19.23 -5.48 -1.07
CA LYS A 30 19.78 -4.20 -0.62
C LYS A 30 18.69 -3.13 -0.79
N GLY A 31 17.92 -3.20 -1.88
CA GLY A 31 16.86 -2.19 -2.08
C GLY A 31 15.83 -2.16 -0.97
N GLN A 32 15.51 -3.36 -0.46
CA GLN A 32 14.56 -3.46 0.64
C GLN A 32 15.11 -2.84 1.91
N GLN A 33 16.42 -2.99 2.15
CA GLN A 33 17.06 -2.38 3.31
C GLN A 33 17.09 -0.87 3.15
N GLU A 34 17.32 -0.34 1.93
CA GLU A 34 17.34 1.09 1.74
C GLU A 34 15.97 1.69 1.99
N ALA A 35 14.93 0.93 1.64
CA ALA A 35 13.56 1.44 1.90
C ALA A 35 13.31 1.53 3.39
N ALA A 36 13.82 0.54 4.15
CA ALA A 36 13.61 0.54 5.61
C ALA A 36 14.33 1.76 6.19
N ARG A 37 15.54 2.06 5.70
CA ARG A 37 16.28 3.22 6.17
C ARG A 37 15.53 4.53 5.91
N ALA A 38 14.93 4.64 4.74
CA ALA A 38 14.14 5.83 4.40
C ALA A 38 13.04 6.03 5.43
N GLY A 39 12.29 4.98 5.77
CA GLY A 39 11.22 5.10 6.74
C GLY A 39 11.69 5.39 8.17
N GLU A 40 12.89 4.90 8.50
CA GLU A 40 13.49 5.18 9.82
C GLU A 40 13.87 6.66 9.91
N LEU A 41 14.25 7.23 8.77
CA LEU A 41 14.63 8.65 8.70
C LEU A 41 13.41 9.53 8.82
N LEU A 42 12.28 9.10 8.21
CA LEU A 42 11.06 9.90 8.37
C LEU A 42 10.66 9.95 9.85
N LYS A 43 10.76 8.83 10.54
CA LYS A 43 10.44 8.73 11.96
C LYS A 43 11.41 9.53 12.83
N GLU A 44 12.71 9.34 12.64
CA GLU A 44 13.71 10.06 13.43
C GLU A 44 13.59 11.56 13.30
N LYS A 45 13.34 12.05 12.09
CA LYS A 45 13.22 13.47 11.81
C LYS A 45 11.81 14.00 11.89
N LYS A 46 10.83 13.18 12.28
CA LYS A 46 9.45 13.57 12.45
C LYS A 46 8.82 14.25 11.25
N VAL A 47 8.97 13.65 10.10
CA VAL A 47 8.35 14.11 8.85
C VAL A 47 7.25 13.07 8.64
N TYR A 48 6.00 13.43 8.88
CA TYR A 48 4.88 12.51 8.80
C TYR A 48 3.97 12.88 7.64
N PRO A 49 4.08 12.14 6.55
CA PRO A 49 3.26 12.43 5.38
C PRO A 49 1.77 12.12 5.63
N ASP A 50 0.92 12.99 5.05
CA ASP A 50 -0.52 12.76 5.17
C ASP A 50 -1.09 11.96 3.98
N VAL A 51 -0.41 12.06 2.86
CA VAL A 51 -0.87 11.36 1.65
C VAL A 51 0.31 10.83 0.86
N LEU A 52 0.12 9.71 0.16
CA LEU A 52 1.23 9.13 -0.59
C LEU A 52 0.88 9.10 -2.08
N TYR A 53 1.84 9.41 -2.93
CA TYR A 53 1.69 9.20 -4.35
C TYR A 53 2.80 8.25 -4.81
N THR A 54 2.44 7.28 -5.65
CA THR A 54 3.51 6.42 -6.17
C THR A 54 3.33 6.31 -7.69
N SER A 55 4.35 5.73 -8.33
CA SER A 55 4.17 5.39 -9.76
C SER A 55 3.35 4.12 -9.83
N LYS A 56 3.30 3.50 -11.02
CA LYS A 56 2.64 2.20 -11.15
C LYS A 56 3.68 1.05 -11.17
N LEU A 57 4.89 1.35 -10.76
CA LEU A 57 5.94 0.31 -10.80
C LEU A 57 6.20 -0.23 -9.41
N SER A 58 6.22 -1.56 -9.32
CA SER A 58 6.33 -2.26 -8.03
C SER A 58 7.52 -1.80 -7.17
N ARG A 59 8.68 -1.60 -7.77
CA ARG A 59 9.84 -1.19 -6.97
C ARG A 59 9.61 0.08 -6.18
N ALA A 60 8.87 1.08 -6.73
CA ALA A 60 8.57 2.27 -5.93
C ALA A 60 7.46 1.99 -4.90
N ILE A 61 6.49 1.15 -5.28
CA ILE A 61 5.41 0.83 -4.32
C ILE A 61 5.93 0.02 -3.15
N GLN A 62 6.80 -0.93 -3.41
CA GLN A 62 7.36 -1.74 -2.31
C GLN A 62 8.15 -0.74 -1.44
N THR A 63 8.93 0.12 -2.05
CA THR A 63 9.66 1.10 -1.24
C THR A 63 8.77 1.84 -0.27
N ALA A 64 7.68 2.48 -0.79
CA ALA A 64 6.78 3.17 0.10
C ALA A 64 6.16 2.31 1.20
N ASN A 65 5.75 1.10 0.84
CA ASN A 65 5.13 0.23 1.83
C ASN A 65 6.09 -0.12 2.98
N ILE A 66 7.35 -0.36 2.65
CA ILE A 66 8.35 -0.64 3.68
C ILE A 66 8.65 0.61 4.47
N ALA A 67 8.81 1.78 3.81
CA ALA A 67 9.12 2.98 4.54
C ALA A 67 8.02 3.40 5.49
N LEU A 68 6.76 3.29 5.01
CA LEU A 68 5.65 3.74 5.84
C LEU A 68 5.40 2.77 7.04
N GLU A 69 5.88 1.58 6.88
CA GLU A 69 5.76 0.57 7.98
C GLU A 69 6.75 0.98 9.08
N LYS A 70 7.95 1.36 8.67
CA LYS A 70 8.96 1.84 9.62
C LYS A 70 8.58 3.16 10.23
N ALA A 71 7.92 4.06 9.49
CA ALA A 71 7.55 5.33 10.09
C ALA A 71 6.19 5.31 10.78
N ASP A 72 5.57 4.15 10.89
CA ASP A 72 4.27 3.99 11.46
C ASP A 72 3.19 4.86 10.90
N ARG A 73 3.05 4.91 9.57
CA ARG A 73 2.07 5.77 8.93
C ARG A 73 1.46 4.99 7.78
N LEU A 74 1.25 3.68 8.02
CA LEU A 74 0.70 2.87 6.92
C LEU A 74 -0.73 3.20 6.54
N TRP A 75 -1.51 3.82 7.41
CA TRP A 75 -2.93 4.05 7.17
C TRP A 75 -3.20 5.18 6.17
N ILE A 76 -2.24 5.98 5.77
CA ILE A 76 -2.53 7.15 4.92
C ILE A 76 -2.96 6.74 3.53
N PRO A 77 -3.79 7.65 2.93
CA PRO A 77 -4.35 7.28 1.64
C PRO A 77 -3.24 7.26 0.61
N VAL A 78 -3.48 6.47 -0.45
CA VAL A 78 -2.53 6.22 -1.50
C VAL A 78 -3.10 6.40 -2.91
N ASN A 79 -2.36 7.17 -3.70
CA ASN A 79 -2.73 7.41 -5.09
C ASN A 79 -1.59 6.99 -6.00
N ARG A 80 -1.89 6.42 -7.18
CA ARG A 80 -0.81 5.98 -8.05
C ARG A 80 -1.07 6.51 -9.47
N SER A 81 0.02 6.84 -10.16
CA SER A 81 -0.20 7.34 -11.53
C SER A 81 0.96 6.83 -12.38
N TRP A 82 0.66 6.56 -13.65
CA TRP A 82 1.70 6.24 -14.63
C TRP A 82 2.63 7.44 -14.84
N ARG A 83 2.14 8.68 -14.61
CA ARG A 83 2.96 9.88 -14.85
C ARG A 83 4.12 10.06 -13.90
N LEU A 84 4.13 9.26 -12.82
CA LEU A 84 5.32 9.24 -11.93
C LEU A 84 6.26 8.10 -12.27
N ASN A 85 5.98 7.32 -13.32
CA ASN A 85 6.86 6.19 -13.68
C ASN A 85 8.26 6.72 -14.12
N GLU A 86 9.20 5.78 -14.04
CA GLU A 86 10.58 6.03 -14.54
C GLU A 86 10.50 6.39 -16.02
N ARG A 87 11.57 6.98 -16.56
CA ARG A 87 11.69 7.15 -18.01
C ARG A 87 11.61 5.81 -18.71
N HIS A 88 10.85 5.71 -19.79
CA HIS A 88 10.76 4.50 -20.60
C HIS A 88 12.09 4.41 -21.38
N TYR A 89 12.79 3.29 -21.31
CA TYR A 89 14.13 3.23 -21.94
C TYR A 89 14.10 2.74 -23.39
N GLY A 90 12.93 2.67 -23.98
CA GLY A 90 12.79 2.28 -25.40
C GLY A 90 13.43 0.90 -25.60
N ASP A 91 14.13 0.77 -26.74
CA ASP A 91 14.77 -0.51 -27.09
C ASP A 91 15.89 -0.94 -26.16
N LEU A 92 16.36 -0.10 -25.26
CA LEU A 92 17.34 -0.51 -24.28
C LEU A 92 16.74 -1.27 -23.13
N GLN A 93 15.41 -1.24 -22.92
CA GLN A 93 14.83 -2.06 -21.87
C GLN A 93 15.22 -3.53 -22.02
N GLY A 94 15.73 -4.07 -20.90
CA GLY A 94 16.13 -5.48 -20.93
C GLY A 94 17.53 -5.68 -21.49
N LYS A 95 18.24 -4.66 -21.90
CA LYS A 95 19.61 -4.89 -22.42
C LYS A 95 20.67 -4.68 -21.38
N ASP A 96 21.82 -5.37 -21.53
CA ASP A 96 22.94 -5.22 -20.60
C ASP A 96 23.63 -3.91 -20.83
N LYS A 97 23.93 -3.14 -19.77
CA LYS A 97 24.52 -1.85 -19.88
C LYS A 97 25.95 -1.91 -20.43
N ALA A 98 26.71 -2.91 -19.99
CA ALA A 98 28.09 -2.99 -20.54
C ALA A 98 28.04 -3.39 -22.01
N GLU A 99 27.22 -4.34 -22.42
CA GLU A 99 27.08 -4.72 -23.81
C GLU A 99 26.59 -3.56 -24.67
N THR A 100 25.69 -2.73 -24.15
CA THR A 100 25.18 -1.57 -24.87
C THR A 100 26.25 -0.52 -25.07
N LEU A 101 27.11 -0.32 -24.06
CA LEU A 101 28.19 0.65 -24.14
C LEU A 101 29.22 0.27 -25.21
N LYS A 102 29.55 -1.01 -25.32
CA LYS A 102 30.51 -1.46 -26.33
C LYS A 102 29.91 -1.38 -27.72
N LYS A 103 28.64 -1.68 -27.86
CA LYS A 103 27.90 -1.61 -29.11
C LYS A 103 27.79 -0.20 -29.65
N PHE A 104 27.39 0.77 -28.83
CA PHE A 104 27.20 2.14 -29.24
C PHE A 104 28.38 3.08 -29.10
N GLY A 105 29.32 2.81 -28.21
CA GLY A 105 30.38 3.78 -27.92
C GLY A 105 29.94 4.66 -26.77
N GLU A 106 30.89 5.27 -26.08
CA GLU A 106 30.61 6.11 -24.95
C GLU A 106 29.74 7.31 -25.32
N GLU A 107 30.02 7.92 -26.46
CA GLU A 107 29.26 9.07 -26.92
C GLU A 107 27.76 8.76 -26.99
N LYS A 108 27.37 7.79 -27.80
CA LYS A 108 25.96 7.44 -27.92
C LYS A 108 25.41 6.92 -26.60
N PHE A 109 26.16 6.06 -25.91
CA PHE A 109 25.74 5.58 -24.60
C PHE A 109 25.37 6.72 -23.65
N ASN A 110 26.25 7.71 -23.52
CA ASN A 110 25.98 8.85 -22.63
C ASN A 110 24.88 9.76 -23.13
N THR A 111 24.67 9.83 -24.45
CA THR A 111 23.54 10.63 -24.95
C THR A 111 22.23 9.96 -24.51
N TYR A 112 22.13 8.66 -24.74
CA TYR A 112 20.94 7.91 -24.36
C TYR A 112 20.69 7.94 -22.86
N ARG A 113 21.75 7.78 -22.07
CA ARG A 113 21.62 7.76 -20.62
C ARG A 113 21.34 9.12 -20.01
N ARG A 114 22.10 10.14 -20.43
CA ARG A 114 21.94 11.46 -19.85
C ARG A 114 21.67 12.67 -20.72
N SER A 115 21.31 12.57 -21.99
CA SER A 115 20.99 13.80 -22.72
C SER A 115 19.64 14.29 -22.15
N PHE A 116 19.40 15.58 -22.29
CA PHE A 116 18.14 16.14 -21.80
C PHE A 116 17.05 15.67 -22.78
N ASP A 117 17.33 15.72 -24.08
CA ASP A 117 16.31 15.56 -25.07
C ASP A 117 16.51 14.58 -26.19
N VAL A 118 17.46 13.64 -26.11
CA VAL A 118 17.61 12.63 -27.15
C VAL A 118 17.18 11.29 -26.58
N PRO A 119 16.05 10.78 -27.02
CA PRO A 119 15.57 9.51 -26.47
C PRO A 119 16.30 8.36 -27.14
N PRO A 120 16.32 7.21 -26.49
CA PRO A 120 16.88 6.00 -27.07
C PRO A 120 15.89 5.58 -28.15
N PRO A 121 16.28 4.66 -29.01
CA PRO A 121 15.41 4.16 -30.05
C PRO A 121 14.15 3.54 -29.46
N PRO A 122 13.06 3.60 -30.20
CA PRO A 122 11.77 3.10 -29.74
C PRO A 122 11.81 1.59 -29.67
N ILE A 123 11.04 1.00 -28.76
CA ILE A 123 11.00 -0.44 -28.60
C ILE A 123 9.99 -1.02 -29.57
N ASP A 124 10.10 -2.29 -29.92
CA ASP A 124 9.08 -2.89 -30.79
C ASP A 124 7.94 -3.39 -29.94
N ALA A 125 6.71 -3.37 -30.44
CA ALA A 125 5.54 -3.87 -29.72
C ALA A 125 5.58 -5.36 -29.42
N SER A 126 6.24 -6.16 -30.27
CA SER A 126 6.40 -7.59 -30.10
C SER A 126 7.51 -7.90 -29.10
N SER A 127 8.34 -6.90 -28.78
CA SER A 127 9.38 -7.16 -27.78
C SER A 127 8.74 -7.68 -26.51
N PRO A 128 9.40 -8.61 -25.81
CA PRO A 128 8.96 -9.10 -24.52
C PRO A 128 9.03 -8.01 -23.46
N PHE A 129 9.89 -7.01 -23.64
CA PHE A 129 10.06 -5.91 -22.71
C PHE A 129 9.25 -4.67 -23.02
N SER A 130 8.22 -4.81 -23.85
CA SER A 130 7.31 -3.72 -24.18
C SER A 130 6.12 -3.76 -23.18
N GLN A 131 5.58 -2.62 -22.84
CA GLN A 131 4.48 -2.52 -21.88
C GLN A 131 3.15 -2.24 -22.58
N LYS A 132 3.18 -2.31 -23.91
CA LYS A 132 1.98 -2.05 -24.69
C LYS A 132 0.97 -3.17 -24.36
N GLY A 133 -0.22 -2.75 -23.93
CA GLY A 133 -1.23 -3.75 -23.58
C GLY A 133 -1.16 -4.21 -22.14
N ASP A 134 -0.19 -3.80 -21.34
CA ASP A 134 -0.14 -4.23 -19.96
C ASP A 134 -1.41 -3.76 -19.23
N GLU A 135 -1.92 -4.65 -18.38
CA GLU A 135 -3.17 -4.45 -17.66
C GLU A 135 -3.23 -3.19 -16.81
N ARG A 136 -2.11 -2.79 -16.18
CA ARG A 136 -2.16 -1.62 -15.28
C ARG A 136 -2.31 -0.30 -16.05
N TYR A 137 -2.21 -0.31 -17.39
CA TYR A 137 -2.38 0.91 -18.16
C TYR A 137 -3.64 0.90 -19.03
N LYS A 138 -4.56 -0.02 -18.76
CA LYS A 138 -5.68 -0.21 -19.68
C LYS A 138 -6.70 0.92 -19.68
N TYR A 139 -6.70 1.80 -18.68
CA TYR A 139 -7.69 2.88 -18.66
C TYR A 139 -7.07 4.20 -19.07
N VAL A 140 -5.86 4.20 -19.62
CA VAL A 140 -5.23 5.44 -20.04
C VAL A 140 -5.36 5.45 -21.57
N ASP A 141 -5.50 6.61 -22.15
CA ASP A 141 -5.53 6.66 -23.63
C ASP A 141 -4.33 5.89 -24.19
N PRO A 142 -4.53 4.85 -24.99
CA PRO A 142 -3.41 4.05 -25.50
C PRO A 142 -2.44 4.86 -26.34
N ASN A 143 -2.86 5.98 -26.94
CA ASN A 143 -2.02 6.78 -27.81
C ASN A 143 -0.97 7.60 -27.06
N VAL A 144 -1.09 7.79 -25.74
CA VAL A 144 -0.10 8.57 -25.02
C VAL A 144 0.99 7.72 -24.38
N LEU A 145 0.81 6.41 -24.29
CA LEU A 145 1.84 5.56 -23.65
C LEU A 145 3.06 5.48 -24.55
N PRO A 146 4.20 5.83 -23.99
CA PRO A 146 5.42 5.98 -24.77
C PRO A 146 6.08 4.69 -25.19
N GLU A 147 6.86 4.80 -26.30
CA GLU A 147 7.63 3.66 -26.76
C GLU A 147 9.11 3.95 -26.50
N THR A 148 9.39 5.11 -25.96
CA THR A 148 10.72 5.56 -25.61
C THR A 148 10.59 6.93 -25.01
N GLU A 149 11.49 7.37 -24.13
CA GLU A 149 11.38 8.71 -23.61
C GLU A 149 12.78 9.28 -23.32
N SER A 150 12.85 10.59 -23.39
CA SER A 150 14.01 11.34 -22.94
C SER A 150 13.59 11.96 -21.62
N LEU A 151 14.47 12.63 -20.90
CA LEU A 151 14.04 13.32 -19.68
C LEU A 151 13.09 14.45 -19.99
N ALA A 152 13.29 15.13 -21.13
CA ALA A 152 12.37 16.21 -21.52
C ALA A 152 10.96 15.69 -21.64
N LEU A 153 10.77 14.52 -22.25
CA LEU A 153 9.46 13.93 -22.43
C LEU A 153 8.87 13.45 -21.11
N VAL A 154 9.69 12.92 -20.21
CA VAL A 154 9.21 12.56 -18.86
C VAL A 154 8.58 13.78 -18.19
N ILE A 155 9.31 14.90 -18.22
CA ILE A 155 8.81 16.12 -17.60
C ILE A 155 7.48 16.55 -18.23
N ASP A 156 7.36 16.51 -19.56
CA ASP A 156 6.12 16.93 -20.20
C ASP A 156 4.93 16.10 -19.74
N ARG A 157 5.08 14.78 -19.52
CA ARG A 157 3.95 13.99 -19.06
C ARG A 157 3.83 13.98 -17.54
N LEU A 158 4.84 14.32 -16.77
CA LEU A 158 4.72 14.41 -15.31
C LEU A 158 4.04 15.68 -14.82
N LEU A 159 4.36 16.82 -15.42
CA LEU A 159 3.82 18.10 -14.98
C LEU A 159 2.33 18.29 -14.80
N PRO A 160 1.46 17.76 -15.64
CA PRO A 160 0.03 17.97 -15.53
C PRO A 160 -0.51 17.28 -14.26
N TYR A 161 0.18 16.20 -13.84
CA TYR A 161 -0.25 15.47 -12.64
C TYR A 161 0.10 16.26 -11.39
N TRP A 162 1.33 16.80 -11.42
CA TRP A 162 1.78 17.73 -10.38
C TRP A 162 0.84 18.93 -10.30
N GLN A 163 0.55 19.53 -11.46
CA GLN A 163 -0.26 20.74 -11.45
C GLN A 163 -1.67 20.63 -10.92
N ASP A 164 -2.38 19.56 -11.27
CA ASP A 164 -3.75 19.43 -10.84
C ASP A 164 -4.01 18.54 -9.61
N VAL A 165 -3.21 17.49 -9.47
CA VAL A 165 -3.53 16.53 -8.39
C VAL A 165 -2.62 16.73 -7.19
N ILE A 166 -1.30 16.60 -7.40
CA ILE A 166 -0.42 16.73 -6.22
C ILE A 166 -0.52 18.12 -5.60
N ALA A 167 -0.53 19.14 -6.45
CA ALA A 167 -0.67 20.51 -5.96
C ALA A 167 -1.91 20.78 -5.17
N LYS A 168 -3.00 20.06 -5.46
CA LYS A 168 -4.21 20.31 -4.74
C LYS A 168 -3.99 19.90 -3.28
N ASP A 169 -3.28 18.77 -3.02
CA ASP A 169 -3.09 18.34 -1.64
C ASP A 169 -2.10 19.28 -0.96
N LEU A 170 -1.05 19.68 -1.67
CA LEU A 170 -0.14 20.66 -1.06
C LEU A 170 -0.84 21.96 -0.69
N LEU A 171 -1.69 22.46 -1.62
CA LEU A 171 -2.42 23.68 -1.35
C LEU A 171 -3.51 23.57 -0.30
N SER A 172 -3.94 22.36 0.04
CA SER A 172 -4.93 22.05 1.05
C SER A 172 -4.23 21.91 2.41
N GLY A 173 -2.91 21.96 2.45
CA GLY A 173 -2.17 21.89 3.69
C GLY A 173 -1.62 20.51 4.05
N LYS A 174 -1.72 19.51 3.15
CA LYS A 174 -1.22 18.17 3.48
C LYS A 174 0.26 18.00 3.22
N THR A 175 0.97 17.24 4.04
CA THR A 175 2.37 16.90 3.73
C THR A 175 2.36 15.72 2.76
N VAL A 176 2.87 15.94 1.55
CA VAL A 176 2.81 14.88 0.56
C VAL A 176 4.11 14.11 0.44
N MET A 177 4.02 12.79 0.33
CA MET A 177 5.19 11.98 0.06
C MET A 177 5.07 11.33 -1.33
N ILE A 178 6.09 11.48 -2.16
CA ILE A 178 6.10 10.86 -3.48
C ILE A 178 7.13 9.75 -3.45
N ALA A 179 6.76 8.53 -3.79
CA ALA A 179 7.77 7.48 -3.93
C ALA A 179 7.88 7.19 -5.43
N ALA A 180 9.04 7.51 -6.04
CA ALA A 180 9.14 7.35 -7.49
C ALA A 180 10.57 6.98 -7.87
N HIS A 181 11.02 7.49 -9.02
CA HIS A 181 12.21 6.94 -9.66
C HIS A 181 13.20 8.04 -9.99
N GLY A 182 14.40 7.60 -10.37
CA GLY A 182 15.44 8.61 -10.66
C GLY A 182 15.06 9.69 -11.65
N ASN A 183 14.60 9.32 -12.86
CA ASN A 183 14.26 10.39 -13.81
C ASN A 183 13.02 11.17 -13.53
N SER A 184 11.97 10.53 -12.98
CA SER A 184 10.78 11.30 -12.68
C SER A 184 11.01 12.25 -11.52
N LEU A 185 11.88 11.86 -10.55
CA LEU A 185 12.18 12.81 -9.48
C LEU A 185 13.16 13.87 -9.98
N ARG A 186 14.06 13.51 -10.84
CA ARG A 186 15.00 14.51 -11.39
C ARG A 186 14.17 15.53 -12.19
N GLY A 187 13.14 15.08 -12.91
CA GLY A 187 12.28 16.00 -13.64
C GLY A 187 11.56 17.01 -12.79
N LEU A 188 11.03 16.56 -11.63
CA LEU A 188 10.30 17.39 -10.71
C LEU A 188 11.22 18.40 -10.03
N VAL A 189 12.40 17.91 -9.63
CA VAL A 189 13.36 18.80 -9.00
C VAL A 189 13.77 19.90 -10.01
N LYS A 190 14.01 19.51 -11.25
CA LYS A 190 14.39 20.52 -12.28
C LYS A 190 13.36 21.64 -12.29
N HIS A 191 12.08 21.22 -12.32
CA HIS A 191 11.00 22.17 -12.32
C HIS A 191 10.90 23.02 -11.08
N LEU A 192 10.98 22.46 -9.86
CA LEU A 192 10.82 23.25 -8.65
C LEU A 192 11.99 24.24 -8.42
N GLU A 193 13.19 23.75 -8.69
CA GLU A 193 14.41 24.53 -8.46
C GLU A 193 14.84 25.40 -9.59
N GLY A 194 14.31 25.22 -10.78
CA GLY A 194 14.64 26.01 -11.95
C GLY A 194 16.02 25.69 -12.53
N ILE A 195 16.41 24.44 -12.52
CA ILE A 195 17.67 23.96 -13.06
C ILE A 195 17.63 23.93 -14.58
N SER A 196 18.72 24.40 -15.20
CA SER A 196 18.72 24.51 -16.67
C SER A 196 18.77 23.14 -17.34
N ASP A 197 18.36 23.10 -18.60
CA ASP A 197 18.41 21.92 -19.43
C ASP A 197 19.79 21.28 -19.49
N ALA A 198 20.85 22.08 -19.50
CA ALA A 198 22.21 21.57 -19.54
C ALA A 198 22.71 21.08 -18.19
N ASP A 199 22.35 21.71 -17.08
CA ASP A 199 22.81 21.32 -15.77
C ASP A 199 22.07 20.14 -15.17
N ILE A 200 20.83 19.87 -15.59
CA ILE A 200 20.09 18.77 -14.94
C ILE A 200 20.76 17.43 -15.14
N ALA A 201 21.48 17.22 -16.24
CA ALA A 201 22.23 16.00 -16.52
C ALA A 201 23.16 15.59 -15.38
N LYS A 202 23.67 16.55 -14.65
CA LYS A 202 24.57 16.38 -13.54
C LYS A 202 23.85 16.11 -12.22
N LEU A 203 22.53 16.30 -12.17
CA LEU A 203 21.85 16.10 -10.89
C LEU A 203 21.67 14.62 -10.58
N ASN A 204 22.08 14.20 -9.39
CA ASN A 204 21.80 12.80 -9.03
C ASN A 204 21.07 12.86 -7.69
N ILE A 205 20.14 11.93 -7.54
CA ILE A 205 19.34 11.88 -6.30
C ILE A 205 19.68 10.52 -5.70
N PRO A 206 20.28 10.52 -4.51
CA PRO A 206 20.69 9.30 -3.87
C PRO A 206 19.49 8.38 -3.64
N THR A 207 19.76 7.08 -3.62
CA THR A 207 18.62 6.17 -3.39
C THR A 207 18.31 6.06 -1.91
N GLY A 208 17.01 5.94 -1.55
CA GLY A 208 16.68 5.65 -0.17
C GLY A 208 16.83 6.69 0.91
N ILE A 209 17.04 7.96 0.59
CA ILE A 209 17.20 9.01 1.56
C ILE A 209 16.21 10.14 1.12
N PRO A 210 15.23 10.36 1.93
CA PRO A 210 14.17 11.33 1.62
C PRO A 210 14.75 12.71 1.45
N LEU A 211 14.22 13.35 0.40
CA LEU A 211 14.54 14.75 0.07
C LEU A 211 13.33 15.60 0.42
N VAL A 212 13.53 16.64 1.24
CA VAL A 212 12.39 17.46 1.64
C VAL A 212 12.43 18.84 1.02
N PHE A 213 11.24 19.23 0.52
CA PHE A 213 11.07 20.60 0.06
C PHE A 213 10.05 21.32 0.91
N GLU A 214 10.43 22.50 1.41
CA GLU A 214 9.52 23.36 2.15
C GLU A 214 9.10 24.42 1.09
N LEU A 215 7.82 24.44 0.76
CA LEU A 215 7.39 25.30 -0.37
C LEU A 215 6.49 26.42 0.19
N ASP A 216 6.39 27.53 -0.55
CA ASP A 216 5.53 28.63 -0.10
C ASP A 216 4.14 28.48 -0.71
N GLU A 217 3.34 29.53 -0.72
CA GLU A 217 2.01 29.49 -1.30
C GLU A 217 1.96 29.43 -2.82
N ASN A 218 3.04 29.67 -3.52
CA ASN A 218 3.05 29.54 -4.97
C ASN A 218 3.84 28.31 -5.39
N LEU A 219 4.05 27.42 -4.40
CA LEU A 219 4.72 26.17 -4.62
C LEU A 219 6.15 26.31 -5.09
N LYS A 220 6.82 27.36 -4.60
CA LYS A 220 8.23 27.57 -4.93
C LYS A 220 8.96 27.28 -3.61
N PRO A 221 10.18 26.78 -3.68
CA PRO A 221 10.95 26.53 -2.46
C PRO A 221 11.11 27.81 -1.65
N SER A 222 10.87 27.74 -0.35
CA SER A 222 11.00 28.84 0.58
C SER A 222 12.40 28.81 1.22
N LYS A 223 13.12 27.73 0.99
CA LYS A 223 14.49 27.49 1.45
C LYS A 223 15.01 26.31 0.64
N PRO A 224 16.30 26.11 0.56
CA PRO A 224 16.84 25.03 -0.26
C PRO A 224 16.34 23.66 0.22
N SER A 225 16.21 22.74 -0.73
CA SER A 225 15.72 21.41 -0.31
C SER A 225 16.83 20.79 0.54
N TYR A 226 16.48 19.78 1.31
CA TYR A 226 17.50 19.12 2.11
C TYR A 226 17.14 17.65 2.26
N TYR A 227 18.21 16.87 2.40
CA TYR A 227 18.07 15.42 2.57
C TYR A 227 17.93 15.14 4.05
N LEU A 228 17.24 14.05 4.43
CA LEU A 228 17.10 13.80 5.87
C LEU A 228 18.38 13.25 6.48
N ASP A 229 19.30 12.76 5.69
CA ASP A 229 20.64 12.34 6.11
C ASP A 229 21.65 12.95 5.13
N PRO A 230 22.10 14.16 5.43
CA PRO A 230 23.04 14.89 4.60
C PRO A 230 24.33 14.16 4.31
N GLU A 231 24.98 13.64 5.34
CA GLU A 231 26.23 12.89 5.16
C GLU A 231 26.05 11.80 4.11
N ALA A 232 25.14 10.86 4.35
CA ALA A 232 24.86 9.80 3.41
C ALA A 232 24.43 10.38 2.06
N ALA A 233 23.60 11.43 2.09
CA ALA A 233 23.13 12.07 0.88
C ALA A 233 24.30 12.06 -0.11
N ALA A 234 24.14 11.19 -1.09
CA ALA A 234 25.16 10.88 -2.05
C ALA A 234 25.20 11.67 -3.35
N ALA A 235 26.41 12.15 -3.60
CA ALA A 235 26.80 12.84 -4.83
C ALA A 235 27.76 11.92 -5.59
N GLY A 236 28.49 11.09 -4.84
CA GLY A 236 29.36 10.10 -5.48
C GLY A 236 28.39 9.11 -6.16
N ALA A 237 28.51 8.94 -7.46
CA ALA A 237 27.60 8.13 -8.24
C ALA A 237 27.50 6.66 -7.87
N ALA A 238 26.31 6.13 -8.19
CA ALA A 238 26.03 4.70 -8.05
C ALA A 238 26.33 4.06 -9.40
N ALA A 239 25.79 4.65 -10.46
CA ALA A 239 26.02 4.19 -11.83
C ALA A 239 25.73 5.33 -12.81
N VAL A 240 24.69 6.09 -12.51
CA VAL A 240 24.26 7.23 -13.31
C VAL A 240 23.66 6.80 -14.64
N PRO B 1 -19.83 -11.52 -10.10
CA PRO B 1 -18.58 -10.83 -9.66
C PRO B 1 -17.86 -11.69 -8.63
N LYS B 2 -16.63 -11.36 -8.33
CA LYS B 2 -15.86 -12.22 -7.38
C LYS B 2 -15.29 -11.35 -6.25
N LEU B 3 -15.42 -11.84 -5.04
CA LEU B 3 -14.96 -11.14 -3.85
C LEU B 3 -13.98 -12.04 -3.11
N VAL B 4 -12.85 -11.46 -2.67
CA VAL B 4 -11.84 -12.29 -1.99
C VAL B 4 -11.60 -11.69 -0.63
N LEU B 5 -11.70 -12.41 0.46
CA LEU B 5 -11.59 -11.92 1.81
C LEU B 5 -10.35 -12.52 2.45
N VAL B 6 -9.58 -11.68 3.14
CA VAL B 6 -8.35 -12.20 3.76
C VAL B 6 -8.28 -11.69 5.18
N ARG B 7 -8.20 -12.59 6.18
CA ARG B 7 -8.10 -12.11 7.55
C ARG B 7 -6.58 -12.03 7.84
N HIS B 8 -6.12 -10.99 8.49
CA HIS B 8 -4.67 -10.92 8.75
C HIS B 8 -4.25 -12.03 9.71
N GLY B 9 -2.94 -12.30 9.68
CA GLY B 9 -2.42 -13.34 10.56
C GLY B 9 -2.15 -12.68 11.91
N GLN B 10 -1.52 -13.46 12.76
CA GLN B 10 -1.26 -13.08 14.13
C GLN B 10 -0.54 -11.77 14.35
N SER B 11 -1.09 -10.97 15.27
CA SER B 11 -0.52 -9.66 15.60
C SER B 11 0.47 -9.86 16.76
N GLU B 12 1.30 -8.88 17.06
CA GLU B 12 2.17 -8.91 18.21
C GLU B 12 1.47 -8.95 19.55
N TRP B 13 0.25 -8.45 19.67
CA TRP B 13 -0.49 -8.62 20.95
C TRP B 13 -1.22 -9.93 20.99
N ASN B 14 -1.49 -10.57 19.85
CA ASN B 14 -2.15 -11.87 19.92
C ASN B 14 -1.12 -12.87 20.51
N GLU B 15 0.14 -12.64 20.16
CA GLU B 15 1.23 -13.48 20.68
C GLU B 15 1.42 -13.35 22.18
N LYS B 16 1.19 -12.19 22.73
CA LYS B 16 1.30 -11.82 24.11
C LYS B 16 -0.01 -11.97 24.89
N ASN B 17 -1.07 -12.43 24.25
CA ASN B 17 -2.34 -12.69 24.90
C ASN B 17 -3.11 -11.45 25.34
N LEU B 18 -3.06 -10.36 24.57
CA LEU B 18 -3.81 -9.17 24.93
C LEU B 18 -4.92 -8.86 23.92
N PHE B 19 -6.06 -8.40 24.43
CA PHE B 19 -7.17 -8.02 23.56
C PHE B 19 -6.76 -6.76 22.75
N THR B 20 -6.98 -6.77 21.43
CA THR B 20 -6.43 -5.66 20.65
C THR B 20 -7.50 -4.62 20.24
N GLY B 21 -8.50 -5.16 19.54
CA GLY B 21 -9.54 -4.19 19.13
C GLY B 21 -8.93 -3.15 18.19
N TRP B 22 -9.24 -1.87 18.44
CA TRP B 22 -8.73 -0.82 17.56
C TRP B 22 -7.32 -0.39 17.89
N VAL B 23 -6.65 -1.02 18.90
CA VAL B 23 -5.24 -0.58 19.13
C VAL B 23 -4.43 -1.00 17.89
N ASP B 24 -3.58 -0.09 17.40
CA ASP B 24 -2.86 -0.32 16.17
C ASP B 24 -1.54 -1.06 16.27
N VAL B 25 -1.66 -2.35 16.58
CA VAL B 25 -0.39 -3.15 16.67
C VAL B 25 -0.04 -3.76 15.35
N LYS B 26 1.23 -4.15 15.17
CA LYS B 26 1.73 -4.74 13.95
C LYS B 26 1.72 -6.26 13.99
N LEU B 27 1.92 -6.86 12.82
CA LEU B 27 1.93 -8.29 12.71
C LEU B 27 3.12 -8.89 13.48
N SER B 28 2.89 -10.07 14.05
CA SER B 28 4.13 -10.75 14.57
C SER B 28 4.96 -11.29 13.41
N ALA B 29 6.14 -11.95 13.74
CA ALA B 29 6.85 -12.67 12.69
C ALA B 29 5.99 -13.75 12.05
N LYS B 30 5.20 -14.51 12.77
CA LYS B 30 4.35 -15.55 12.19
C LYS B 30 3.29 -14.88 11.28
N GLY B 31 2.76 -13.81 11.83
CA GLY B 31 1.75 -13.04 11.03
C GLY B 31 2.26 -12.65 9.65
N GLN B 32 3.49 -12.14 9.58
CA GLN B 32 4.11 -11.85 8.28
C GLN B 32 4.21 -13.03 7.35
N GLN B 33 4.53 -14.24 7.86
CA GLN B 33 4.62 -15.43 7.01
C GLN B 33 3.24 -15.86 6.50
N GLU B 34 2.21 -15.70 7.32
CA GLU B 34 0.84 -16.02 6.95
C GLU B 34 0.37 -15.07 5.83
N ALA B 35 0.82 -13.83 5.91
CA ALA B 35 0.47 -12.90 4.80
C ALA B 35 1.12 -13.32 3.52
N ALA B 36 2.38 -13.83 3.57
CA ALA B 36 3.05 -14.22 2.31
C ALA B 36 2.36 -15.42 1.69
N ARG B 37 1.91 -16.36 2.53
CA ARG B 37 1.19 -17.54 2.08
C ARG B 37 -0.11 -17.18 1.40
N ALA B 38 -0.85 -16.21 1.98
CA ALA B 38 -2.10 -15.81 1.32
C ALA B 38 -1.79 -15.31 -0.08
N GLY B 39 -0.68 -14.55 -0.22
CA GLY B 39 -0.25 -14.05 -1.51
C GLY B 39 0.12 -15.15 -2.51
N GLU B 40 0.83 -16.16 -1.97
CA GLU B 40 1.19 -17.30 -2.81
C GLU B 40 -0.05 -18.05 -3.30
N LEU B 41 -1.02 -18.21 -2.43
CA LEU B 41 -2.29 -18.86 -2.83
C LEU B 41 -3.04 -18.04 -3.87
N LEU B 42 -3.08 -16.70 -3.73
CA LEU B 42 -3.71 -15.93 -4.81
C LEU B 42 -3.04 -16.23 -6.14
N LYS B 43 -1.70 -16.17 -6.18
CA LYS B 43 -0.94 -16.37 -7.39
C LYS B 43 -1.11 -17.82 -7.89
N GLU B 44 -0.99 -18.78 -6.99
CA GLU B 44 -1.15 -20.19 -7.41
C GLU B 44 -2.54 -20.51 -7.94
N LYS B 45 -3.60 -19.95 -7.37
CA LYS B 45 -4.96 -20.20 -7.85
C LYS B 45 -5.46 -19.21 -8.88
N LYS B 46 -4.60 -18.32 -9.37
CA LYS B 46 -4.92 -17.34 -10.39
C LYS B 46 -6.12 -16.48 -10.01
N VAL B 47 -6.13 -15.93 -8.82
CA VAL B 47 -7.18 -15.02 -8.37
C VAL B 47 -6.50 -13.65 -8.33
N TYR B 48 -6.87 -12.77 -9.24
CA TYR B 48 -6.14 -11.50 -9.35
C TYR B 48 -7.10 -10.31 -9.12
N PRO B 49 -7.06 -9.77 -7.91
CA PRO B 49 -7.92 -8.66 -7.58
C PRO B 49 -7.56 -7.46 -8.42
N ASP B 50 -8.58 -6.65 -8.68
CA ASP B 50 -8.47 -5.44 -9.49
C ASP B 50 -8.48 -4.21 -8.49
N VAL B 51 -8.96 -4.35 -7.29
CA VAL B 51 -8.98 -3.25 -6.35
C VAL B 51 -8.92 -3.81 -4.93
N LEU B 52 -8.26 -3.09 -4.04
CA LEU B 52 -8.08 -3.52 -2.66
C LEU B 52 -8.78 -2.59 -1.66
N TYR B 53 -9.43 -3.15 -0.67
CA TYR B 53 -10.05 -2.39 0.40
C TYR B 53 -9.40 -2.86 1.69
N THR B 54 -8.96 -1.95 2.55
CA THR B 54 -8.44 -2.40 3.84
C THR B 54 -9.09 -1.60 4.93
N SER B 55 -8.93 -2.00 6.19
CA SER B 55 -9.37 -1.15 7.30
C SER B 55 -8.27 -0.11 7.48
N LYS B 56 -8.36 0.67 8.58
CA LYS B 56 -7.29 1.63 8.84
C LYS B 56 -6.31 1.08 9.88
N LEU B 57 -6.28 -0.20 10.11
CA LEU B 57 -5.40 -0.80 11.11
C LEU B 57 -4.21 -1.43 10.41
N SER B 58 -2.99 -1.06 10.85
CA SER B 58 -1.78 -1.50 10.20
C SER B 58 -1.64 -2.98 9.96
N ARG B 59 -2.07 -3.81 10.92
CA ARG B 59 -1.93 -5.26 10.72
C ARG B 59 -2.66 -5.76 9.47
N ALA B 60 -3.85 -5.24 9.11
CA ALA B 60 -4.47 -5.66 7.86
C ALA B 60 -3.77 -5.02 6.66
N ILE B 61 -3.27 -3.78 6.81
CA ILE B 61 -2.64 -3.13 5.63
C ILE B 61 -1.31 -3.83 5.31
N GLN B 62 -0.54 -4.15 6.35
CA GLN B 62 0.71 -4.89 6.13
C GLN B 62 0.41 -6.22 5.47
N THR B 63 -0.61 -6.91 5.96
CA THR B 63 -1.00 -8.19 5.35
C THR B 63 -1.28 -8.01 3.86
N ALA B 64 -2.14 -7.05 3.46
CA ALA B 64 -2.35 -6.84 2.03
C ALA B 64 -1.12 -6.48 1.26
N ASN B 65 -0.24 -5.66 1.86
CA ASN B 65 0.96 -5.29 1.13
C ASN B 65 1.90 -6.46 0.87
N ILE B 66 2.04 -7.32 1.87
CA ILE B 66 2.89 -8.50 1.63
C ILE B 66 2.23 -9.46 0.67
N ALA B 67 0.93 -9.67 0.83
CA ALA B 67 0.25 -10.62 -0.06
C ALA B 67 0.30 -10.19 -1.52
N LEU B 68 0.04 -8.89 -1.73
CA LEU B 68 0.02 -8.44 -3.11
C LEU B 68 1.41 -8.37 -3.77
N GLU B 69 2.40 -8.31 -2.92
CA GLU B 69 3.78 -8.37 -3.46
C GLU B 69 4.02 -9.79 -3.96
N LYS B 70 3.59 -10.79 -3.18
CA LYS B 70 3.78 -12.17 -3.61
C LYS B 70 2.88 -12.55 -4.78
N ALA B 71 1.71 -11.92 -4.91
CA ALA B 71 0.82 -12.22 -6.03
C ALA B 71 1.14 -11.37 -7.26
N ASP B 72 2.16 -10.50 -7.15
CA ASP B 72 2.53 -9.59 -8.21
C ASP B 72 1.43 -8.67 -8.70
N ARG B 73 0.69 -8.08 -7.74
CA ARG B 73 -0.39 -7.16 -8.11
C ARG B 73 -0.33 -5.93 -7.22
N LEU B 74 0.93 -5.44 -7.02
CA LEU B 74 1.04 -4.29 -6.12
C LEU B 74 0.48 -2.99 -6.69
N TRP B 75 0.38 -2.84 -7.99
CA TRP B 75 -0.10 -1.62 -8.62
C TRP B 75 -1.59 -1.30 -8.46
N ILE B 76 -2.44 -2.24 -8.01
CA ILE B 76 -3.87 -1.94 -7.97
C ILE B 76 -4.25 -0.83 -7.01
N PRO B 77 -5.37 -0.14 -7.28
CA PRO B 77 -5.84 0.96 -6.44
C PRO B 77 -6.21 0.43 -5.04
N VAL B 78 -6.03 1.33 -4.06
CA VAL B 78 -6.25 0.97 -2.67
C VAL B 78 -7.17 1.98 -1.99
N ASN B 79 -8.20 1.43 -1.31
CA ASN B 79 -9.13 2.29 -0.57
C ASN B 79 -9.14 1.80 0.88
N ARG B 80 -9.21 2.70 1.83
CA ARG B 80 -9.24 2.27 3.25
C ARG B 80 -10.45 2.90 3.92
N SER B 81 -10.94 2.20 4.94
CA SER B 81 -12.08 2.74 5.67
C SER B 81 -12.05 2.24 7.12
N TRP B 82 -12.53 3.11 8.02
CA TRP B 82 -12.65 2.68 9.42
C TRP B 82 -13.75 1.65 9.53
N ARG B 83 -14.74 1.63 8.59
CA ARG B 83 -15.86 0.69 8.69
C ARG B 83 -15.44 -0.77 8.50
N LEU B 84 -14.22 -1.02 8.03
CA LEU B 84 -13.69 -2.38 7.91
C LEU B 84 -12.89 -2.72 9.17
N ASN B 85 -12.75 -1.81 10.14
CA ASN B 85 -11.93 -2.09 11.34
C ASN B 85 -12.47 -3.26 12.16
N GLU B 86 -11.55 -3.96 12.86
CA GLU B 86 -11.95 -4.93 13.88
C GLU B 86 -12.97 -4.34 14.83
N ARG B 87 -13.69 -5.23 15.55
CA ARG B 87 -14.61 -4.75 16.58
C ARG B 87 -13.78 -4.01 17.63
N HIS B 88 -14.30 -2.93 18.14
CA HIS B 88 -13.68 -2.16 19.22
C HIS B 88 -13.96 -2.94 20.53
N TYR B 89 -12.90 -3.22 21.28
CA TYR B 89 -13.06 -4.10 22.46
C TYR B 89 -13.37 -3.36 23.74
N GLY B 90 -13.71 -2.08 23.65
CA GLY B 90 -14.06 -1.27 24.81
C GLY B 90 -12.95 -1.29 25.86
N ASP B 91 -13.38 -1.46 27.12
CA ASP B 91 -12.42 -1.43 28.22
C ASP B 91 -11.54 -2.66 28.29
N LEU B 92 -11.77 -3.68 27.47
CA LEU B 92 -10.91 -4.83 27.38
C LEU B 92 -9.67 -4.58 26.52
N GLN B 93 -9.64 -3.49 25.73
CA GLN B 93 -8.44 -3.25 24.90
C GLN B 93 -7.22 -3.10 25.80
N GLY B 94 -6.14 -3.81 25.51
CA GLY B 94 -4.90 -3.68 26.30
C GLY B 94 -4.93 -4.64 27.49
N LYS B 95 -5.97 -5.45 27.62
CA LYS B 95 -6.04 -6.31 28.83
C LYS B 95 -5.63 -7.74 28.49
N ASP B 96 -5.07 -8.42 29.50
CA ASP B 96 -4.64 -9.82 29.36
C ASP B 96 -5.85 -10.73 29.33
N LYS B 97 -5.95 -11.62 28.33
CA LYS B 97 -7.12 -12.46 28.16
C LYS B 97 -7.27 -13.49 29.31
N ALA B 98 -6.12 -13.96 29.82
CA ALA B 98 -6.26 -14.93 30.94
C ALA B 98 -6.74 -14.24 32.19
N GLU B 99 -6.20 -13.06 32.49
CA GLU B 99 -6.60 -12.31 33.66
C GLU B 99 -8.06 -11.90 33.55
N THR B 100 -8.48 -11.45 32.37
CA THR B 100 -9.90 -11.12 32.15
C THR B 100 -10.80 -12.31 32.42
N LEU B 101 -10.43 -13.50 32.00
CA LEU B 101 -11.16 -14.73 32.21
C LEU B 101 -11.28 -15.06 33.70
N LYS B 102 -10.18 -14.93 34.43
CA LYS B 102 -10.16 -15.09 35.87
C LYS B 102 -11.00 -14.05 36.61
N LYS B 103 -11.11 -12.84 36.07
CA LYS B 103 -11.83 -11.76 36.70
C LYS B 103 -13.33 -11.72 36.43
N PHE B 104 -13.82 -12.18 35.29
CA PHE B 104 -15.24 -12.11 35.00
C PHE B 104 -15.92 -13.48 35.02
N GLY B 105 -15.10 -14.52 34.99
CA GLY B 105 -15.60 -15.88 34.97
C GLY B 105 -15.87 -16.29 33.53
N GLU B 106 -15.94 -17.59 33.27
CA GLU B 106 -16.17 -18.09 31.94
C GLU B 106 -17.37 -17.47 31.25
N GLU B 107 -18.50 -17.43 31.95
CA GLU B 107 -19.76 -16.98 31.37
C GLU B 107 -19.69 -15.56 30.82
N LYS B 108 -19.29 -14.58 31.61
CA LYS B 108 -19.17 -13.20 31.17
C LYS B 108 -18.09 -13.06 30.09
N PHE B 109 -17.01 -13.81 30.20
CA PHE B 109 -15.91 -13.73 29.25
C PHE B 109 -16.34 -14.23 27.88
N ASN B 110 -17.04 -15.38 27.80
CA ASN B 110 -17.45 -15.82 26.46
C ASN B 110 -18.57 -14.96 25.86
N THR B 111 -19.42 -14.33 26.66
CA THR B 111 -20.42 -13.38 26.18
C THR B 111 -19.74 -12.20 25.50
N TYR B 112 -18.78 -11.59 26.20
CA TYR B 112 -18.05 -10.45 25.67
C TYR B 112 -17.25 -10.84 24.42
N ARG B 113 -16.66 -12.04 24.44
CA ARG B 113 -15.89 -12.47 23.29
C ARG B 113 -16.77 -12.84 22.09
N ARG B 114 -17.88 -13.55 22.37
CA ARG B 114 -18.68 -14.11 21.29
C ARG B 114 -20.18 -13.93 21.35
N SER B 115 -20.77 -13.13 22.23
CA SER B 115 -22.22 -12.94 22.08
C SER B 115 -22.43 -12.18 20.76
N PHE B 116 -23.62 -12.18 20.20
CA PHE B 116 -23.91 -11.36 19.03
C PHE B 116 -24.14 -9.91 19.38
N ASP B 117 -24.86 -9.65 20.48
CA ASP B 117 -25.23 -8.30 20.83
C ASP B 117 -24.91 -7.78 22.21
N VAL B 118 -24.01 -8.41 22.96
CA VAL B 118 -23.67 -7.78 24.26
C VAL B 118 -22.24 -7.25 24.12
N PRO B 119 -22.10 -5.93 24.13
CA PRO B 119 -20.76 -5.36 23.99
C PRO B 119 -20.00 -5.44 25.31
N PRO B 120 -18.68 -5.39 25.23
CA PRO B 120 -17.86 -5.22 26.42
C PRO B 120 -18.16 -3.87 27.01
N PRO B 121 -17.71 -3.63 28.25
CA PRO B 121 -17.87 -2.35 28.89
C PRO B 121 -17.11 -1.29 28.08
N PRO B 122 -17.66 -0.09 28.07
CA PRO B 122 -17.12 1.02 27.34
C PRO B 122 -15.74 1.40 27.86
N ILE B 123 -14.86 1.81 26.97
CA ILE B 123 -13.52 2.17 27.42
C ILE B 123 -13.56 3.52 28.13
N ASP B 124 -12.60 3.80 29.03
CA ASP B 124 -12.69 5.15 29.59
C ASP B 124 -11.88 6.10 28.72
N ALA B 125 -12.22 7.38 28.85
CA ALA B 125 -11.54 8.43 28.10
C ALA B 125 -10.07 8.54 28.51
N SER B 126 -9.77 8.36 29.80
CA SER B 126 -8.38 8.40 30.23
C SER B 126 -7.54 7.31 29.59
N SER B 127 -8.04 6.07 29.59
CA SER B 127 -7.35 4.92 29.03
C SER B 127 -6.28 5.28 28.03
N PRO B 128 -5.12 4.61 28.19
CA PRO B 128 -4.03 4.74 27.25
C PRO B 128 -4.33 4.01 25.96
N PHE B 129 -5.33 3.14 25.95
CA PHE B 129 -5.76 2.40 24.80
C PHE B 129 -7.01 2.89 24.08
N SER B 130 -7.39 4.16 24.26
CA SER B 130 -8.55 4.70 23.57
C SER B 130 -8.08 5.35 22.26
N GLN B 131 -8.94 5.39 21.26
CA GLN B 131 -8.54 5.88 19.95
C GLN B 131 -9.18 7.28 19.72
N LYS B 132 -9.84 7.77 20.77
CA LYS B 132 -10.47 9.09 20.68
C LYS B 132 -9.42 10.15 20.34
N GLY B 133 -9.64 10.83 19.22
CA GLY B 133 -8.75 11.89 18.78
C GLY B 133 -7.57 11.43 17.95
N ASP B 134 -7.54 10.15 17.60
CA ASP B 134 -6.47 9.60 16.81
C ASP B 134 -6.53 10.28 15.44
N GLU B 135 -5.34 10.61 14.93
CA GLU B 135 -5.24 11.37 13.69
C GLU B 135 -5.89 10.67 12.50
N ARG B 136 -5.82 9.34 12.46
CA ARG B 136 -6.39 8.67 11.28
C ARG B 136 -7.92 8.72 11.26
N TYR B 137 -8.62 9.16 12.30
CA TYR B 137 -10.09 9.22 12.24
C TYR B 137 -10.56 10.69 12.26
N LYS B 138 -9.63 11.63 12.04
CA LYS B 138 -10.00 13.04 12.19
C LYS B 138 -11.00 13.59 11.20
N TYR B 139 -11.24 12.95 10.06
CA TYR B 139 -12.24 13.44 9.14
C TYR B 139 -13.55 12.70 9.22
N VAL B 140 -13.74 11.84 10.22
CA VAL B 140 -15.04 11.16 10.37
C VAL B 140 -15.83 11.92 11.43
N ASP B 141 -17.16 11.93 11.37
CA ASP B 141 -17.97 12.50 12.45
C ASP B 141 -17.50 11.91 13.79
N PRO B 142 -17.00 12.72 14.71
CA PRO B 142 -16.50 12.24 15.99
C PRO B 142 -17.55 11.49 16.76
N ASN B 143 -18.83 11.81 16.59
CA ASN B 143 -19.92 11.17 17.31
C ASN B 143 -20.15 9.72 16.92
N VAL B 144 -19.69 9.22 15.78
CA VAL B 144 -19.96 7.84 15.40
C VAL B 144 -18.84 6.92 15.85
N LEU B 145 -17.72 7.48 16.30
CA LEU B 145 -16.63 6.54 16.68
C LEU B 145 -17.05 5.78 17.93
N PRO B 146 -16.88 4.47 17.97
CA PRO B 146 -17.29 3.68 19.11
C PRO B 146 -16.41 3.71 20.34
N GLU B 147 -17.03 3.48 21.52
CA GLU B 147 -16.28 3.33 22.75
C GLU B 147 -16.24 1.85 23.13
N THR B 148 -16.97 1.04 22.39
CA THR B 148 -17.11 -0.39 22.55
C THR B 148 -18.01 -0.91 21.47
N GLU B 149 -17.89 -2.15 21.05
CA GLU B 149 -18.77 -2.74 20.07
C GLU B 149 -19.03 -4.21 20.32
N SER B 150 -20.21 -4.66 19.91
CA SER B 150 -20.56 -6.07 19.80
C SER B 150 -20.51 -6.37 18.29
N LEU B 151 -20.61 -7.63 17.91
CA LEU B 151 -20.62 -7.99 16.49
C LEU B 151 -21.82 -7.33 15.80
N ALA B 152 -22.97 -7.32 16.46
CA ALA B 152 -24.13 -6.63 15.88
C ALA B 152 -23.85 -5.19 15.50
N LEU B 153 -23.16 -4.41 16.33
CA LEU B 153 -22.82 -3.04 16.05
C LEU B 153 -21.77 -2.95 14.94
N VAL B 154 -20.81 -3.88 14.94
CA VAL B 154 -19.85 -3.89 13.82
C VAL B 154 -20.61 -4.01 12.50
N ILE B 155 -21.57 -4.94 12.43
CA ILE B 155 -22.33 -5.12 11.18
C ILE B 155 -23.09 -3.85 10.82
N ASP B 156 -23.64 -3.18 11.80
CA ASP B 156 -24.42 -1.97 11.48
C ASP B 156 -23.54 -0.87 10.87
N ARG B 157 -22.32 -0.66 11.39
CA ARG B 157 -21.43 0.30 10.72
C ARG B 157 -20.70 -0.20 9.49
N LEU B 158 -20.59 -1.50 9.22
CA LEU B 158 -19.90 -1.99 8.03
C LEU B 158 -20.77 -1.94 6.79
N LEU B 159 -22.05 -2.30 6.97
CA LEU B 159 -22.93 -2.49 5.81
C LEU B 159 -23.10 -1.31 4.87
N PRO B 160 -23.16 -0.04 5.32
CA PRO B 160 -23.33 1.08 4.42
C PRO B 160 -22.11 1.24 3.49
N TYR B 161 -20.92 0.86 3.98
CA TYR B 161 -19.73 0.89 3.11
C TYR B 161 -19.79 -0.17 2.02
N TRP B 162 -20.19 -1.37 2.40
CA TRP B 162 -20.43 -2.49 1.53
C TRP B 162 -21.49 -2.08 0.52
N GLN B 163 -22.58 -1.45 0.98
CA GLN B 163 -23.68 -1.18 0.02
C GLN B 163 -23.40 -0.18 -1.04
N ASP B 164 -22.66 0.90 -0.73
CA ASP B 164 -22.43 1.95 -1.72
C ASP B 164 -21.05 1.90 -2.41
N VAL B 165 -20.04 1.44 -1.64
CA VAL B 165 -18.68 1.60 -2.21
C VAL B 165 -18.15 0.26 -2.72
N ILE B 166 -18.14 -0.75 -1.86
CA ILE B 166 -17.59 -2.02 -2.39
C ILE B 166 -18.54 -2.58 -3.45
N ALA B 167 -19.84 -2.49 -3.23
CA ALA B 167 -20.79 -3.01 -4.22
C ALA B 167 -20.61 -2.34 -5.58
N LYS B 168 -20.29 -1.05 -5.61
CA LYS B 168 -20.12 -0.36 -6.88
C LYS B 168 -19.01 -1.02 -7.69
N ASP B 169 -17.87 -1.38 -7.07
CA ASP B 169 -16.81 -2.06 -7.78
C ASP B 169 -17.21 -3.47 -8.25
N LEU B 170 -17.91 -4.19 -7.39
CA LEU B 170 -18.37 -5.53 -7.76
C LEU B 170 -19.35 -5.49 -8.90
N LEU B 171 -20.29 -4.53 -8.88
CA LEU B 171 -21.25 -4.40 -9.95
C LEU B 171 -20.64 -3.83 -11.20
N SER B 172 -19.44 -3.23 -11.16
CA SER B 172 -18.75 -2.74 -12.32
C SER B 172 -17.88 -3.84 -12.93
N GLY B 173 -17.92 -5.04 -12.37
CA GLY B 173 -17.12 -6.14 -12.88
C GLY B 173 -15.71 -6.25 -12.34
N LYS B 174 -15.38 -5.57 -11.25
CA LYS B 174 -14.03 -5.70 -10.70
C LYS B 174 -13.96 -6.88 -9.77
N THR B 175 -12.77 -7.52 -9.69
CA THR B 175 -12.60 -8.53 -8.64
C THR B 175 -12.11 -7.75 -7.44
N VAL B 176 -12.78 -7.85 -6.32
CA VAL B 176 -12.43 -7.02 -5.16
C VAL B 176 -11.80 -7.86 -4.05
N MET B 177 -10.68 -7.35 -3.54
CA MET B 177 -10.08 -7.99 -2.36
C MET B 177 -10.25 -7.13 -1.13
N ILE B 178 -10.63 -7.72 0.03
CA ILE B 178 -10.76 -7.03 1.27
C ILE B 178 -9.77 -7.62 2.25
N ALA B 179 -8.85 -6.83 2.78
CA ALA B 179 -7.96 -7.34 3.85
C ALA B 179 -8.50 -6.67 5.11
N ALA B 180 -9.04 -7.50 6.03
CA ALA B 180 -9.66 -6.98 7.24
C ALA B 180 -9.49 -7.97 8.39
N HIS B 181 -10.44 -7.96 9.32
CA HIS B 181 -10.27 -8.55 10.65
C HIS B 181 -11.28 -9.61 10.99
N GLY B 182 -11.00 -10.45 12.01
CA GLY B 182 -11.96 -11.51 12.31
C GLY B 182 -13.40 -11.09 12.42
N ASN B 183 -13.74 -10.09 13.25
CA ASN B 183 -15.13 -9.70 13.43
C ASN B 183 -15.74 -8.91 12.29
N SER B 184 -14.92 -8.11 11.59
CA SER B 184 -15.52 -7.38 10.46
C SER B 184 -15.79 -8.32 9.30
N LEU B 185 -14.96 -9.37 9.12
CA LEU B 185 -15.20 -10.33 8.06
C LEU B 185 -16.32 -11.32 8.46
N ARG B 186 -16.40 -11.67 9.72
CA ARG B 186 -17.47 -12.55 10.24
C ARG B 186 -18.81 -11.84 10.01
N GLY B 187 -18.80 -10.54 10.25
CA GLY B 187 -19.98 -9.69 10.05
C GLY B 187 -20.42 -9.74 8.60
N LEU B 188 -19.48 -9.56 7.68
CA LEU B 188 -19.82 -9.60 6.25
C LEU B 188 -20.27 -10.95 5.77
N VAL B 189 -19.57 -12.00 6.25
CA VAL B 189 -19.97 -13.37 5.89
C VAL B 189 -21.37 -13.69 6.43
N LYS B 190 -21.72 -13.21 7.61
CA LYS B 190 -23.06 -13.42 8.17
C LYS B 190 -24.11 -12.82 7.23
N HIS B 191 -23.81 -11.63 6.71
CA HIS B 191 -24.73 -10.96 5.79
C HIS B 191 -24.83 -11.67 4.47
N LEU B 192 -23.74 -12.07 3.81
CA LEU B 192 -23.78 -12.70 2.51
C LEU B 192 -24.44 -14.09 2.52
N GLU B 193 -24.12 -14.87 3.55
CA GLU B 193 -24.62 -16.24 3.65
C GLU B 193 -25.94 -16.38 4.38
N GLY B 194 -26.41 -15.33 5.05
CA GLY B 194 -27.68 -15.38 5.76
C GLY B 194 -27.64 -16.20 7.03
N ILE B 195 -26.50 -16.23 7.69
CA ILE B 195 -26.30 -16.94 8.94
C ILE B 195 -27.05 -16.28 10.07
N SER B 196 -27.74 -17.09 10.88
CA SER B 196 -28.52 -16.53 11.98
C SER B 196 -27.66 -15.91 13.07
N ASP B 197 -28.27 -15.06 13.87
CA ASP B 197 -27.68 -14.42 15.02
C ASP B 197 -27.15 -15.43 16.02
N ALA B 198 -27.81 -16.57 16.16
CA ALA B 198 -27.36 -17.63 17.06
C ALA B 198 -26.15 -18.38 16.52
N ASP B 199 -26.15 -18.67 15.23
CA ASP B 199 -25.09 -19.42 14.57
C ASP B 199 -23.80 -18.69 14.27
N ILE B 200 -23.66 -17.39 14.04
CA ILE B 200 -22.32 -16.89 13.69
C ILE B 200 -21.39 -16.87 14.89
N ALA B 201 -21.81 -17.20 16.11
CA ALA B 201 -20.86 -17.35 17.22
C ALA B 201 -19.92 -18.53 16.97
N LYS B 202 -20.32 -19.46 16.13
CA LYS B 202 -19.57 -20.66 15.81
C LYS B 202 -18.78 -20.49 14.52
N LEU B 203 -18.90 -19.34 13.83
CA LEU B 203 -18.17 -19.21 12.58
C LEU B 203 -16.76 -18.68 12.86
N ASN B 204 -15.76 -19.36 12.32
CA ASN B 204 -14.41 -18.80 12.51
C ASN B 204 -13.72 -18.80 11.15
N ILE B 205 -13.04 -17.70 10.89
CA ILE B 205 -12.34 -17.58 9.61
C ILE B 205 -10.86 -17.70 9.94
N PRO B 206 -10.24 -18.68 9.31
CA PRO B 206 -8.82 -18.92 9.52
C PRO B 206 -8.03 -17.70 9.05
N THR B 207 -6.91 -17.51 9.70
CA THR B 207 -5.97 -16.45 9.34
C THR B 207 -5.10 -16.80 8.16
N GLY B 208 -4.96 -15.85 7.22
CA GLY B 208 -4.10 -16.00 6.09
C GLY B 208 -4.54 -16.83 4.92
N ILE B 209 -5.80 -17.29 4.93
CA ILE B 209 -6.20 -18.11 3.77
C ILE B 209 -7.36 -17.34 3.09
N PRO B 210 -7.16 -16.99 1.87
CA PRO B 210 -8.19 -16.16 1.18
C PRO B 210 -9.47 -16.99 1.07
N LEU B 211 -10.59 -16.34 1.31
CA LEU B 211 -11.93 -16.92 1.20
C LEU B 211 -12.58 -16.27 -0.02
N VAL B 212 -13.03 -17.08 -0.99
CA VAL B 212 -13.57 -16.53 -2.23
C VAL B 212 -15.09 -16.70 -2.29
N PHE B 213 -15.78 -15.61 -2.63
CA PHE B 213 -17.21 -15.68 -2.90
C PHE B 213 -17.42 -15.36 -4.39
N GLU B 214 -18.18 -16.22 -5.05
CA GLU B 214 -18.60 -15.93 -6.43
C GLU B 214 -20.07 -15.49 -6.27
N LEU B 215 -20.35 -14.26 -6.73
CA LEU B 215 -21.64 -13.67 -6.47
C LEU B 215 -22.35 -13.44 -7.79
N ASP B 216 -23.69 -13.38 -7.73
CA ASP B 216 -24.43 -13.08 -8.97
C ASP B 216 -24.69 -11.59 -9.09
N GLU B 217 -25.59 -11.20 -10.00
CA GLU B 217 -25.89 -9.78 -10.21
C GLU B 217 -26.60 -9.07 -9.08
N ASN B 218 -27.15 -9.75 -8.09
CA ASN B 218 -27.83 -9.27 -6.93
C ASN B 218 -26.91 -9.26 -5.72
N LEU B 219 -25.65 -9.67 -5.97
CA LEU B 219 -24.64 -9.78 -4.96
C LEU B 219 -24.94 -10.89 -3.98
N LYS B 220 -25.56 -11.97 -4.47
CA LYS B 220 -25.81 -13.10 -3.56
C LYS B 220 -24.89 -14.24 -4.00
N PRO B 221 -24.41 -15.06 -3.09
CA PRO B 221 -23.56 -16.18 -3.51
C PRO B 221 -24.25 -17.05 -4.54
N SER B 222 -23.55 -17.36 -5.62
CA SER B 222 -24.10 -18.21 -6.69
C SER B 222 -23.64 -19.65 -6.47
N LYS B 223 -22.69 -19.82 -5.56
CA LYS B 223 -22.15 -21.15 -5.24
C LYS B 223 -21.52 -20.97 -3.88
N PRO B 224 -21.23 -22.03 -3.18
CA PRO B 224 -20.69 -21.93 -1.84
C PRO B 224 -19.35 -21.17 -1.88
N SER B 225 -19.11 -20.45 -0.79
CA SER B 225 -17.81 -19.78 -0.70
C SER B 225 -16.77 -20.88 -0.53
N TYR B 226 -15.54 -20.56 -0.90
CA TYR B 226 -14.49 -21.58 -0.74
C TYR B 226 -13.16 -20.89 -0.35
N TYR B 227 -12.36 -21.62 0.44
CA TYR B 227 -11.02 -21.19 0.78
C TYR B 227 -10.03 -21.68 -0.28
N LEU B 228 -8.94 -20.95 -0.50
CA LEU B 228 -7.97 -21.30 -1.51
C LEU B 228 -7.08 -22.45 -1.06
N ASP B 229 -7.12 -22.77 0.22
CA ASP B 229 -6.42 -23.94 0.78
C ASP B 229 -7.40 -24.57 1.78
N PRO B 230 -8.31 -25.39 1.25
CA PRO B 230 -9.37 -26.04 2.02
C PRO B 230 -8.81 -26.92 3.12
N GLU B 231 -7.77 -27.67 2.78
CA GLU B 231 -7.09 -28.53 3.75
C GLU B 231 -6.70 -27.73 4.98
N ALA B 232 -5.92 -26.67 4.86
CA ALA B 232 -5.48 -25.86 5.97
C ALA B 232 -6.54 -25.09 6.74
N ALA B 233 -7.82 -25.18 6.40
CA ALA B 233 -8.91 -24.56 7.10
C ALA B 233 -8.89 -24.85 8.60
N ALA B 234 -9.85 -24.22 9.28
CA ALA B 234 -10.02 -24.32 10.72
C ALA B 234 -9.14 -23.28 11.43
N ALA B 235 -9.79 -22.47 12.25
CA ALA B 235 -9.11 -21.44 13.02
C ALA B 235 -8.94 -21.86 14.48
N GLY B 236 -9.12 -23.14 14.77
CA GLY B 236 -8.98 -23.74 16.08
C GLY B 236 -7.57 -23.76 16.62
N ALA B 237 -6.58 -23.40 15.82
CA ALA B 237 -5.19 -23.25 16.21
C ALA B 237 -4.86 -21.78 16.44
N ALA B 238 -4.02 -21.52 17.44
CA ALA B 238 -3.60 -20.19 17.86
C ALA B 238 -4.67 -19.53 18.72
N ALA B 239 -5.49 -20.36 19.32
CA ALA B 239 -6.64 -20.10 20.15
C ALA B 239 -7.80 -20.74 19.37
N VAL B 240 -8.64 -21.52 20.02
CA VAL B 240 -9.69 -22.24 19.31
C VAL B 240 -10.70 -21.30 18.67
S SO4 C . 16.60 0.38 -11.28
O1 SO4 C . 17.07 0.06 -9.88
O2 SO4 C . 15.41 1.25 -11.14
O3 SO4 C . 17.68 1.12 -11.99
O4 SO4 C . 16.14 -0.86 -11.98
S SO4 D . 20.73 4.14 -15.72
O1 SO4 D . 21.50 4.36 -14.44
O2 SO4 D . 20.15 5.44 -16.18
O3 SO4 D . 19.61 3.18 -15.43
O4 SO4 D . 21.63 3.53 -16.73
C1 3PG E . 19.47 2.24 -8.29
O1 3PG E . 20.36 3.21 -8.66
O2 3PG E . 19.99 1.26 -7.55
C2 3PG E . 18.12 2.29 -8.86
O3 3PG E . 17.38 3.27 -8.11
C3 3PG E . 17.47 0.91 -8.78
O1P 3PG E . 17.67 0.16 -9.94
P 3PG E . 16.75 0.46 -11.27
O2P 3PG E . 15.12 0.24 -10.87
O3P 3PG E . 16.98 2.05 -11.80
O4P 3PG E . 17.11 -0.62 -12.51
S SO4 F . -5.09 -9.87 16.88
O1 SO4 F . -4.11 -10.64 16.02
O2 SO4 F . -6.35 -9.68 16.12
O3 SO4 F . -5.42 -10.73 18.07
O4 SO4 F . -4.50 -8.59 17.33
S SO4 G . -11.23 -12.35 19.99
O1 SO4 G . -11.51 -12.52 21.45
O2 SO4 G . -12.46 -11.93 19.25
O3 SO4 G . -10.72 -13.65 19.44
O4 SO4 G . -10.14 -11.33 19.83
C1 3PG H . -5.16 -14.29 15.42
O1 3PG H . -4.03 -15.01 15.23
O2 3PG H . -6.17 -14.94 16.04
C2 3PG H . -5.33 -12.88 15.07
O3 3PG H . -5.45 -12.79 13.64
C3 3PG H . -4.15 -12.11 15.65
O1P 3PG H . -4.37 -10.72 15.51
P 3PG H . -5.11 -10.04 16.83
O2P 3PG H . -6.75 -9.93 16.48
O3P 3PG H . -4.99 -11.09 18.15
O4P 3PG H . -4.51 -8.52 17.23
#